data_6UAY
#
_entry.id   6UAY
#
_cell.length_a   36.470
_cell.length_b   48.720
_cell.length_c   57.110
_cell.angle_alpha   102.610
_cell.angle_beta   89.780
_cell.angle_gamma   93.890
#
_symmetry.space_group_name_H-M   'P 1'
#
loop_
_entity.id
_entity.type
_entity.pdbx_description
1 polymer 'GLYCOSIDE HYDROLASE'
2 water water
#
_entity_poly.entity_id   1
_entity_poly.type   'polypeptide(L)'
_entity_poly.pdbx_seq_one_letter_code
;MGSSHHHHHHSSGLVPAGSHMADYYTIAANPGSGKRGLAYNNINLLTAFEGGPFSWSYNWEPRPGGYTAGIEYVPMLWGP
RGYGSWNADAEAGIAAGSKNLLAFNEPDIASQANMSPEAAAAAYQKYMNPYAARARLGSPAVSNGAPPKGLGWMQGFLDV
CAGNCKIDFLAVHWHGPSGNVDDFKRYVSEAIALGQKYGIGTVWVTEFEGQGDEEAQVNFLKEVLPWLDSNAGVERYASF
FVDNLVKGGALTSVGKAYKTI
;
_entity_poly.pdbx_strand_id   A,B
#
# COMPACT_ATOMS: atom_id res chain seq x y z
N GLY A 18 34.12 -35.80 19.77
CA GLY A 18 33.10 -35.02 19.03
C GLY A 18 31.79 -34.87 19.81
N SER A 19 31.09 -33.76 19.63
CA SER A 19 29.84 -33.43 20.35
C SER A 19 28.62 -33.99 19.59
N HIS A 20 28.80 -34.53 18.37
CA HIS A 20 27.67 -35.00 17.49
C HIS A 20 28.06 -36.27 16.73
N MET A 21 27.08 -37.12 16.37
CA MET A 21 27.30 -38.31 15.50
CA MET A 21 27.31 -38.30 15.49
C MET A 21 27.14 -37.88 14.03
N ALA A 22 27.68 -38.68 13.10
CA ALA A 22 27.66 -38.45 11.63
C ALA A 22 26.24 -38.08 11.13
N ASP A 23 25.14 -38.56 11.74
CA ASP A 23 23.74 -38.37 11.24
C ASP A 23 23.24 -36.92 11.53
N TYR A 24 23.96 -36.19 12.40
CA TYR A 24 23.69 -34.75 12.71
C TYR A 24 24.19 -33.89 11.55
N TYR A 25 25.21 -34.36 10.81
CA TYR A 25 25.79 -33.74 9.58
C TYR A 25 25.03 -34.33 8.37
N THR A 26 23.73 -33.96 8.33
CA THR A 26 22.62 -34.41 7.43
C THR A 26 22.94 -35.79 6.87
N SER A 33 14.10 -22.09 -0.30
CA SER A 33 14.55 -20.68 -0.18
CA SER A 33 14.65 -20.71 -0.22
C SER A 33 15.17 -20.47 1.19
N GLY A 34 14.74 -21.29 2.14
CA GLY A 34 15.14 -21.11 3.55
C GLY A 34 14.40 -19.94 4.18
N LYS A 35 13.37 -19.34 3.57
CA LYS A 35 12.76 -18.10 4.19
C LYS A 35 11.53 -18.47 5.03
N ARG A 36 10.91 -19.64 4.80
CA ARG A 36 9.53 -19.97 5.23
C ARG A 36 9.57 -20.39 6.71
N GLY A 37 8.66 -19.80 7.51
CA GLY A 37 8.54 -20.01 8.96
C GLY A 37 7.23 -20.56 9.48
N LEU A 38 7.30 -21.06 10.70
CA LEU A 38 6.18 -21.75 11.40
C LEU A 38 5.86 -20.93 12.64
N ALA A 39 4.78 -20.14 12.52
CA ALA A 39 4.26 -19.29 13.61
C ALA A 39 3.16 -20.09 14.34
N TYR A 40 3.43 -20.51 15.58
CA TYR A 40 2.62 -21.50 16.31
C TYR A 40 2.17 -21.01 17.69
N ASN A 41 1.04 -21.58 18.15
CA ASN A 41 0.62 -21.56 19.58
C ASN A 41 0.89 -22.96 20.15
N ASN A 42 0.35 -24.01 19.54
CA ASN A 42 0.55 -25.41 20.03
C ASN A 42 1.78 -26.01 19.34
N ILE A 43 2.88 -26.19 20.08
CA ILE A 43 4.12 -26.75 19.49
C ILE A 43 3.84 -28.12 18.85
N ASN A 44 2.89 -28.87 19.36
CA ASN A 44 2.61 -30.27 18.93
C ASN A 44 2.17 -30.26 17.45
N LEU A 45 1.65 -29.15 16.92
CA LEU A 45 1.10 -29.08 15.52
C LEU A 45 2.22 -28.85 14.49
N LEU A 46 3.43 -28.47 14.92
CA LEU A 46 4.57 -28.34 13.98
C LEU A 46 4.84 -29.67 13.23
N THR A 47 4.61 -30.82 13.86
CA THR A 47 4.92 -32.18 13.33
C THR A 47 4.23 -32.38 11.96
N ALA A 48 3.00 -31.89 11.82
CA ALA A 48 2.22 -31.97 10.56
C ALA A 48 3.00 -31.29 9.43
N PHE A 49 3.99 -30.42 9.73
CA PHE A 49 4.80 -29.70 8.72
C PHE A 49 6.18 -30.36 8.42
N GLU A 50 6.53 -31.47 9.09
CA GLU A 50 7.67 -32.37 8.79
C GLU A 50 7.98 -32.46 7.29
N GLY A 51 9.24 -32.22 6.95
CA GLY A 51 9.80 -32.45 5.61
C GLY A 51 9.53 -31.32 4.64
N GLY A 52 8.81 -30.27 5.04
CA GLY A 52 8.63 -29.07 4.20
C GLY A 52 9.79 -28.10 4.37
N PRO A 53 9.82 -27.03 3.56
CA PRO A 53 10.94 -26.10 3.45
C PRO A 53 10.97 -25.02 4.55
N PHE A 54 10.96 -25.45 5.82
CA PHE A 54 10.77 -24.55 6.99
C PHE A 54 12.10 -24.44 7.71
N SER A 55 12.56 -23.24 7.99
CA SER A 55 13.91 -22.99 8.56
C SER A 55 13.84 -22.46 10.01
N TRP A 56 12.70 -21.89 10.38
CA TRP A 56 12.59 -21.12 11.62
C TRP A 56 11.14 -21.19 12.13
N SER A 57 10.96 -20.96 13.41
CA SER A 57 9.65 -20.89 14.12
C SER A 57 9.64 -19.72 15.10
N TYR A 58 8.42 -19.30 15.51
CA TYR A 58 8.26 -18.37 16.65
C TYR A 58 6.82 -18.57 17.16
N ASN A 59 6.48 -18.08 18.36
CA ASN A 59 5.21 -18.39 19.06
C ASN A 59 4.62 -17.20 19.83
N TRP A 60 5.12 -16.00 19.53
CA TRP A 60 4.67 -14.73 20.16
C TRP A 60 5.03 -14.78 21.64
N GLU A 61 5.92 -15.68 22.02
CA GLU A 61 6.38 -15.88 23.42
C GLU A 61 7.90 -15.74 23.50
N PRO A 62 8.50 -15.63 24.71
CA PRO A 62 9.96 -15.59 24.82
C PRO A 62 10.51 -17.01 24.94
N ARG A 63 9.65 -17.98 25.23
CA ARG A 63 10.12 -19.39 25.38
C ARG A 63 9.36 -20.31 24.47
N PRO A 64 10.02 -21.38 23.94
CA PRO A 64 9.36 -22.19 22.88
C PRO A 64 8.22 -23.12 23.35
N GLY A 65 8.20 -23.52 24.61
CA GLY A 65 7.12 -24.41 25.09
C GLY A 65 7.44 -25.87 24.84
N GLY A 66 8.68 -26.15 24.46
CA GLY A 66 9.21 -27.49 24.19
C GLY A 66 10.36 -27.41 23.21
N TYR A 67 10.75 -28.51 22.58
CA TYR A 67 11.92 -28.58 21.69
C TYR A 67 11.46 -29.11 20.34
N THR A 68 11.88 -28.43 19.25
CA THR A 68 11.67 -28.88 17.85
C THR A 68 13.02 -28.99 17.15
N ALA A 69 13.46 -30.20 16.82
CA ALA A 69 14.76 -30.45 16.17
C ALA A 69 14.75 -29.86 14.76
N GLY A 70 15.92 -29.35 14.36
CA GLY A 70 16.24 -29.03 12.97
C GLY A 70 15.69 -27.69 12.51
N ILE A 71 15.17 -26.84 13.41
CA ILE A 71 14.52 -25.54 13.05
C ILE A 71 15.00 -24.49 14.07
N GLU A 72 15.15 -23.23 13.65
CA GLU A 72 15.64 -22.17 14.57
C GLU A 72 14.42 -21.60 15.27
N TYR A 73 14.39 -21.63 16.59
CA TYR A 73 13.36 -20.94 17.38
C TYR A 73 13.85 -19.52 17.64
N VAL A 74 12.99 -18.52 17.36
CA VAL A 74 13.33 -17.09 17.52
C VAL A 74 12.49 -16.58 18.69
N PRO A 75 13.11 -16.32 19.87
CA PRO A 75 12.39 -15.72 21.00
C PRO A 75 11.84 -14.32 20.62
N MET A 76 10.72 -13.99 21.24
CA MET A 76 10.08 -12.67 21.14
C MET A 76 9.89 -12.04 22.49
N LEU A 77 10.24 -10.73 22.54
CA LEU A 77 9.86 -9.82 23.60
C LEU A 77 8.54 -9.16 23.17
N TRP A 78 7.40 -9.63 23.69
CA TRP A 78 6.06 -9.39 23.11
C TRP A 78 5.67 -7.97 23.47
N GLY A 79 6.15 -7.53 24.64
CA GLY A 79 5.75 -6.21 25.16
C GLY A 79 6.18 -6.07 26.63
N PRO A 80 5.75 -4.99 27.27
CA PRO A 80 6.09 -4.74 28.68
C PRO A 80 5.78 -5.85 29.69
N ARG A 81 4.78 -6.68 29.39
CA ARG A 81 4.43 -7.80 30.31
C ARG A 81 5.62 -8.76 30.37
N GLY A 82 6.51 -8.78 29.36
CA GLY A 82 7.68 -9.68 29.20
C GLY A 82 8.98 -9.18 29.87
N TYR A 83 9.07 -7.92 30.28
CA TYR A 83 10.36 -7.24 30.63
C TYR A 83 11.11 -7.89 31.79
N GLY A 84 10.44 -8.37 32.82
CA GLY A 84 11.12 -8.95 34.00
C GLY A 84 11.94 -10.21 33.65
N SER A 85 11.41 -11.07 32.80
CA SER A 85 12.11 -12.36 32.51
C SER A 85 13.00 -12.27 31.25
N TRP A 86 12.99 -11.14 30.49
CA TRP A 86 13.58 -11.11 29.14
C TRP A 86 15.05 -11.47 29.17
N ASN A 87 15.86 -10.93 30.09
CA ASN A 87 17.32 -11.25 30.01
C ASN A 87 17.50 -12.77 30.07
N ALA A 88 16.81 -13.45 30.98
CA ALA A 88 17.01 -14.90 31.13
C ALA A 88 16.47 -15.62 29.89
N ASP A 89 15.37 -15.13 29.33
CA ASP A 89 14.71 -15.69 28.11
C ASP A 89 15.66 -15.58 26.91
N ALA A 90 16.17 -14.39 26.66
CA ALA A 90 17.11 -14.08 25.56
C ALA A 90 18.37 -14.95 25.71
N GLU A 91 18.96 -14.98 26.87
CA GLU A 91 20.21 -15.78 27.12
C GLU A 91 19.93 -17.27 26.80
N ALA A 92 18.76 -17.73 27.18
CA ALA A 92 18.38 -19.14 27.00
C ALA A 92 18.21 -19.44 25.51
N GLY A 93 17.51 -18.60 24.74
CA GLY A 93 17.28 -18.88 23.31
C GLY A 93 18.57 -18.79 22.50
N ILE A 94 19.49 -17.91 22.88
CA ILE A 94 20.82 -17.70 22.23
C ILE A 94 21.63 -19.00 22.48
N ALA A 95 21.63 -19.51 23.71
CA ALA A 95 22.30 -20.77 24.15
C ALA A 95 21.74 -22.00 23.44
N ALA A 96 20.46 -21.99 23.09
CA ALA A 96 19.88 -23.07 22.27
C ALA A 96 20.20 -22.85 20.79
N GLY A 97 20.97 -21.82 20.40
CA GLY A 97 21.41 -21.63 19.02
C GLY A 97 20.72 -20.54 18.21
N SER A 98 19.72 -19.82 18.78
N SER A 98 19.67 -19.86 18.71
CA SER A 98 19.03 -18.63 18.19
CA SER A 98 19.05 -18.81 17.88
C SER A 98 20.10 -17.65 17.67
C SER A 98 20.07 -17.70 17.64
N LYS A 99 20.02 -17.20 16.40
CA LYS A 99 20.90 -16.14 15.92
C LYS A 99 20.10 -14.84 15.93
N ASN A 100 18.80 -14.88 16.30
CA ASN A 100 17.90 -13.72 16.14
C ASN A 100 16.97 -13.57 17.35
N LEU A 101 16.53 -12.36 17.57
CA LEU A 101 15.49 -12.03 18.58
C LEU A 101 14.54 -11.06 17.92
N LEU A 102 13.26 -11.13 18.29
CA LEU A 102 12.18 -10.22 17.81
C LEU A 102 11.68 -9.33 18.95
N ALA A 103 11.39 -8.07 18.66
CA ALA A 103 10.79 -7.12 19.63
C ALA A 103 9.26 -7.19 19.57
N PHE A 104 8.59 -6.14 20.02
CA PHE A 104 7.18 -6.06 20.46
C PHE A 104 6.23 -6.42 19.34
N ASN A 105 5.09 -6.98 19.74
CA ASN A 105 4.06 -7.44 18.79
C ASN A 105 2.96 -6.41 18.67
N GLU A 106 2.80 -5.85 17.47
CA GLU A 106 1.75 -4.85 17.17
C GLU A 106 1.62 -3.83 18.29
N PRO A 107 2.69 -3.07 18.59
CA PRO A 107 2.57 -1.97 19.55
C PRO A 107 1.63 -0.86 19.02
N ASP A 108 1.43 -0.79 17.68
CA ASP A 108 0.42 0.12 17.04
C ASP A 108 -1.05 -0.28 17.35
N ILE A 109 -1.32 -1.44 17.93
CA ILE A 109 -2.71 -1.97 18.10
C ILE A 109 -3.05 -2.03 19.60
N ALA A 110 -4.18 -1.42 20.01
CA ALA A 110 -4.52 -1.33 21.45
C ALA A 110 -4.68 -2.70 22.09
N SER A 111 -5.25 -3.66 21.37
CA SER A 111 -5.53 -5.04 21.83
C SER A 111 -4.23 -5.87 21.87
N GLN A 112 -3.10 -5.35 21.37
CA GLN A 112 -1.81 -6.06 21.35
C GLN A 112 -0.83 -5.32 22.25
N ALA A 113 0.44 -5.16 21.89
CA ALA A 113 1.42 -4.56 22.83
C ALA A 113 1.02 -3.12 23.24
N ASN A 114 0.35 -2.35 22.37
CA ASN A 114 -0.25 -1.04 22.77
C ASN A 114 0.82 -0.10 23.36
N MET A 115 1.84 0.32 22.58
CA MET A 115 2.99 1.16 23.04
C MET A 115 3.11 2.35 22.07
N SER A 116 3.25 3.55 22.56
CA SER A 116 3.68 4.71 21.73
C SER A 116 5.07 4.49 21.09
N PRO A 117 5.35 5.14 19.93
CA PRO A 117 6.66 5.09 19.30
C PRO A 117 7.77 5.52 20.26
N GLU A 118 7.47 6.50 21.10
CA GLU A 118 8.48 7.06 22.02
C GLU A 118 8.82 6.02 23.08
N ALA A 119 7.76 5.42 23.66
CA ALA A 119 7.90 4.43 24.75
C ALA A 119 8.68 3.22 24.20
N ALA A 120 8.33 2.77 23.00
CA ALA A 120 8.95 1.57 22.38
C ALA A 120 10.44 1.80 22.00
N ALA A 121 10.82 3.04 21.59
CA ALA A 121 12.22 3.39 21.30
C ALA A 121 13.07 3.29 22.58
N ALA A 122 12.53 3.76 23.69
CA ALA A 122 13.26 3.72 25.00
C ALA A 122 13.37 2.25 25.38
N ALA A 123 12.29 1.48 25.22
CA ALA A 123 12.27 0.07 25.67
C ALA A 123 13.18 -0.80 24.76
N TYR A 124 13.26 -0.45 23.49
CA TYR A 124 14.10 -1.22 22.51
C TYR A 124 15.56 -1.05 22.93
N GLN A 125 15.95 0.19 23.27
CA GLN A 125 17.36 0.49 23.63
C GLN A 125 17.70 -0.27 24.91
N LYS A 126 16.75 -0.40 25.84
CA LYS A 126 17.05 -0.97 27.19
C LYS A 126 17.17 -2.50 27.03
N TYR A 127 16.26 -3.13 26.30
CA TYR A 127 16.02 -4.58 26.34
C TYR A 127 16.51 -5.33 25.10
N MET A 128 16.56 -4.70 23.94
CA MET A 128 17.06 -5.33 22.69
C MET A 128 18.51 -4.99 22.43
N ASN A 129 18.91 -3.72 22.43
CA ASN A 129 20.30 -3.31 22.13
C ASN A 129 21.36 -4.12 22.89
N PRO A 130 21.20 -4.47 24.21
CA PRO A 130 22.27 -5.19 24.90
C PRO A 130 22.71 -6.53 24.30
N TYR A 131 21.88 -7.14 23.43
CA TYR A 131 22.13 -8.47 22.84
C TYR A 131 22.73 -8.33 21.44
N ALA A 132 22.99 -7.12 20.95
CA ALA A 132 23.36 -6.94 19.54
C ALA A 132 24.66 -7.68 19.13
N ALA A 133 25.63 -7.86 20.04
CA ALA A 133 26.89 -8.60 19.79
C ALA A 133 26.65 -10.11 19.66
N ARG A 134 25.49 -10.63 20.12
CA ARG A 134 25.23 -12.10 20.23
C ARG A 134 24.00 -12.51 19.43
N ALA A 135 23.29 -11.57 18.79
CA ALA A 135 22.10 -11.88 17.98
C ALA A 135 21.76 -10.73 17.07
N ARG A 136 21.11 -11.04 15.97
CA ARG A 136 20.52 -10.03 15.08
C ARG A 136 19.15 -9.69 15.67
N LEU A 137 18.83 -8.41 15.64
CA LEU A 137 17.67 -7.85 16.39
C LEU A 137 16.60 -7.42 15.37
N GLY A 138 15.35 -7.81 15.62
CA GLY A 138 14.19 -7.48 14.76
C GLY A 138 13.36 -6.37 15.38
N SER A 139 12.94 -5.38 14.60
CA SER A 139 12.12 -4.25 15.06
C SER A 139 10.86 -4.80 15.72
N PRO A 140 10.13 -3.95 16.45
CA PRO A 140 8.73 -4.28 16.73
C PRO A 140 8.03 -4.53 15.39
N ALA A 141 7.07 -5.45 15.42
CA ALA A 141 6.23 -5.85 14.26
C ALA A 141 4.95 -4.99 14.27
N VAL A 142 4.73 -4.20 13.23
CA VAL A 142 3.54 -3.32 13.08
C VAL A 142 2.51 -4.06 12.17
N SER A 143 1.23 -3.76 12.41
CA SER A 143 0.05 -4.19 11.60
C SER A 143 0.14 -3.55 10.23
N ASN A 144 -0.84 -3.86 9.36
CA ASN A 144 -0.91 -3.04 8.12
C ASN A 144 -1.96 -1.96 8.23
N GLY A 145 -2.31 -1.54 9.44
CA GLY A 145 -3.15 -0.35 9.66
C GLY A 145 -2.64 0.88 8.91
N ALA A 146 -3.56 1.79 8.61
CA ALA A 146 -3.27 3.13 8.09
C ALA A 146 -2.63 3.97 9.19
N PRO A 147 -1.68 4.88 8.85
CA PRO A 147 -1.23 5.89 9.79
C PRO A 147 -2.39 6.50 10.59
N PRO A 148 -2.26 6.65 11.92
CA PRO A 148 -0.97 6.52 12.63
C PRO A 148 -0.50 5.11 12.98
N LYS A 149 -1.20 4.06 12.52
CA LYS A 149 -0.83 2.65 12.80
C LYS A 149 0.17 2.18 11.75
N GLY A 150 0.52 0.91 11.81
CA GLY A 150 1.32 0.29 10.74
C GLY A 150 2.61 0.99 10.43
N LEU A 151 2.86 1.30 9.15
CA LEU A 151 4.20 1.80 8.78
C LEU A 151 4.32 3.29 9.16
N GLY A 152 3.22 3.97 9.53
CA GLY A 152 3.29 5.29 10.17
C GLY A 152 3.90 5.18 11.57
N TRP A 153 3.50 4.13 12.31
CA TRP A 153 4.01 3.87 13.66
C TRP A 153 5.52 3.60 13.52
N MET A 154 5.89 2.71 12.59
CA MET A 154 7.32 2.38 12.35
C MET A 154 8.12 3.67 12.03
N GLN A 155 7.57 4.58 11.22
CA GLN A 155 8.33 5.83 10.96
C GLN A 155 8.51 6.61 12.27
N GLY A 156 7.47 6.72 13.13
CA GLY A 156 7.57 7.43 14.43
C GLY A 156 8.58 6.78 15.36
N PHE A 157 8.66 5.46 15.32
CA PHE A 157 9.60 4.66 16.11
C PHE A 157 11.05 4.88 15.64
N LEU A 158 11.28 4.78 14.35
CA LEU A 158 12.61 5.09 13.75
C LEU A 158 12.99 6.55 14.03
N ASP A 159 12.05 7.50 13.99
CA ASP A 159 12.33 8.94 14.35
C ASP A 159 12.88 9.03 15.78
N VAL A 160 12.18 8.41 16.73
CA VAL A 160 12.53 8.53 18.19
C VAL A 160 13.81 7.74 18.47
N CYS A 161 13.97 6.56 17.86
CA CYS A 161 15.23 5.79 17.89
C CYS A 161 16.43 6.69 17.52
N ALA A 162 16.28 7.46 16.44
CA ALA A 162 17.28 8.53 16.05
C ALA A 162 18.68 7.90 15.94
N GLY A 163 18.72 6.68 15.38
CA GLY A 163 20.02 6.03 15.10
C GLY A 163 20.62 5.27 16.26
N ASN A 164 19.98 5.30 17.41
CA ASN A 164 20.52 4.69 18.66
C ASN A 164 19.79 3.38 18.95
N CYS A 165 18.86 2.94 18.07
CA CYS A 165 18.35 1.55 18.12
C CYS A 165 19.19 0.64 17.15
N LYS A 166 19.66 -0.50 17.67
CA LYS A 166 20.44 -1.51 16.92
C LYS A 166 19.42 -2.48 16.30
N ILE A 167 19.11 -2.25 15.05
CA ILE A 167 18.05 -3.01 14.31
C ILE A 167 18.71 -3.63 13.08
N ASP A 168 18.62 -4.95 12.97
CA ASP A 168 19.18 -5.69 11.82
C ASP A 168 18.08 -5.87 10.75
N PHE A 169 16.81 -5.93 11.11
CA PHE A 169 15.69 -6.22 10.15
C PHE A 169 14.40 -5.60 10.68
N LEU A 170 13.50 -5.16 9.78
CA LEU A 170 12.15 -4.72 10.20
C LEU A 170 11.22 -5.92 10.21
N ALA A 171 10.31 -6.01 11.19
CA ALA A 171 9.31 -7.07 11.26
C ALA A 171 7.97 -6.41 10.93
N VAL A 172 7.15 -6.99 10.02
CA VAL A 172 5.90 -6.34 9.59
C VAL A 172 4.84 -7.45 9.42
N HIS A 173 3.56 -7.01 9.48
CA HIS A 173 2.37 -7.90 9.41
C HIS A 173 1.46 -7.39 8.28
N TRP A 174 0.81 -8.29 7.59
CA TRP A 174 -0.29 -7.94 6.70
C TRP A 174 -1.47 -8.93 6.78
N HIS A 175 -2.62 -8.42 7.13
CA HIS A 175 -3.94 -9.14 7.11
C HIS A 175 -4.89 -8.38 6.23
N GLY A 176 -5.53 -9.08 5.30
CA GLY A 176 -6.42 -8.38 4.38
C GLY A 176 -7.15 -9.38 3.50
N PRO A 177 -8.17 -8.89 2.76
CA PRO A 177 -8.91 -9.73 1.82
C PRO A 177 -7.92 -10.43 0.90
N SER A 178 -8.16 -11.71 0.62
CA SER A 178 -7.31 -12.51 -0.27
C SER A 178 -7.21 -11.88 -1.67
N GLY A 179 -8.23 -11.18 -2.12
CA GLY A 179 -8.21 -10.53 -3.45
C GLY A 179 -7.41 -9.22 -3.50
N ASN A 180 -6.81 -8.77 -2.39
CA ASN A 180 -5.97 -7.56 -2.32
C ASN A 180 -4.48 -7.94 -2.35
N VAL A 181 -4.09 -8.86 -3.21
CA VAL A 181 -2.65 -9.22 -3.36
C VAL A 181 -1.77 -8.01 -3.73
N ASP A 182 -2.23 -7.09 -4.59
CA ASP A 182 -1.42 -5.91 -5.00
C ASP A 182 -1.11 -5.05 -3.78
N ASP A 183 -2.08 -4.93 -2.86
CA ASP A 183 -1.89 -4.11 -1.64
C ASP A 183 -0.86 -4.78 -0.71
N PHE A 184 -0.91 -6.09 -0.63
CA PHE A 184 0.09 -6.90 0.13
C PHE A 184 1.48 -6.60 -0.47
N LYS A 185 1.64 -6.62 -1.79
CA LYS A 185 2.96 -6.35 -2.44
C LYS A 185 3.40 -4.89 -2.26
N ARG A 186 2.49 -3.95 -2.31
CA ARG A 186 2.78 -2.51 -2.06
CA ARG A 186 2.83 -2.52 -2.08
C ARG A 186 3.36 -2.36 -0.64
N TYR A 187 2.67 -2.95 0.32
CA TYR A 187 3.01 -2.83 1.74
C TYR A 187 4.42 -3.39 2.01
N VAL A 188 4.70 -4.60 1.52
CA VAL A 188 6.04 -5.24 1.69
C VAL A 188 7.08 -4.34 1.04
N SER A 189 6.86 -3.94 -0.20
CA SER A 189 7.83 -3.02 -0.92
C SER A 189 8.10 -1.73 -0.13
N GLU A 190 7.06 -1.12 0.48
CA GLU A 190 7.20 0.13 1.25
C GLU A 190 8.00 -0.18 2.52
N ALA A 191 7.71 -1.31 3.17
CA ALA A 191 8.50 -1.75 4.33
C ALA A 191 10.01 -1.85 3.95
N ILE A 192 10.39 -2.54 2.87
CA ILE A 192 11.82 -2.67 2.41
C ILE A 192 12.39 -1.27 2.18
N ALA A 193 11.67 -0.41 1.46
CA ALA A 193 12.23 0.95 1.22
C ALA A 193 12.45 1.72 2.56
N LEU A 194 11.51 1.65 3.51
CA LEU A 194 11.62 2.35 4.82
C LEU A 194 12.88 1.85 5.52
N GLY A 195 13.01 0.54 5.67
CA GLY A 195 14.23 -0.05 6.27
C GLY A 195 15.52 0.51 5.63
N GLN A 196 15.60 0.51 4.32
CA GLN A 196 16.79 0.94 3.50
C GLN A 196 17.03 2.44 3.77
N LYS A 197 16.00 3.25 3.98
CA LYS A 197 16.18 4.68 4.29
C LYS A 197 16.89 4.86 5.65
N TYR A 198 16.79 3.87 6.53
CA TYR A 198 17.23 4.02 7.95
C TYR A 198 18.39 3.06 8.22
N GLY A 199 19.08 2.57 7.21
CA GLY A 199 20.21 1.63 7.39
C GLY A 199 19.82 0.20 7.85
N ILE A 200 18.64 -0.32 7.48
CA ILE A 200 18.19 -1.69 7.85
C ILE A 200 17.92 -2.41 6.54
N GLY A 201 18.67 -3.45 6.26
CA GLY A 201 18.78 -3.92 4.86
C GLY A 201 17.76 -4.97 4.43
N THR A 202 16.99 -5.58 5.35
N THR A 202 16.85 -5.38 5.32
CA THR A 202 15.96 -6.63 5.03
CA THR A 202 15.89 -6.47 5.01
C THR A 202 14.75 -6.51 5.97
C THR A 202 14.70 -6.45 5.96
N VAL A 203 13.62 -7.13 5.56
CA VAL A 203 12.36 -7.27 6.35
C VAL A 203 12.04 -8.73 6.57
N TRP A 204 11.41 -9.01 7.69
CA TRP A 204 10.69 -10.30 7.93
C TRP A 204 9.19 -10.00 7.97
N VAL A 205 8.39 -10.68 7.12
CA VAL A 205 6.92 -10.61 7.16
C VAL A 205 6.44 -11.70 8.13
N THR A 206 6.43 -11.39 9.41
CA THR A 206 6.29 -12.39 10.49
C THR A 206 4.83 -12.82 10.65
N GLU A 207 3.87 -12.12 10.04
CA GLU A 207 2.51 -12.64 9.83
C GLU A 207 2.00 -12.15 8.48
N PHE A 208 1.35 -13.03 7.72
CA PHE A 208 0.48 -12.54 6.62
C PHE A 208 -0.70 -13.50 6.57
N GLU A 209 -1.85 -12.89 6.34
CA GLU A 209 -3.12 -13.64 6.19
C GLU A 209 -3.91 -13.05 5.00
N GLY A 210 -4.12 -13.85 3.96
CA GLY A 210 -5.14 -13.53 2.93
C GLY A 210 -6.49 -14.12 3.32
N GLN A 211 -7.47 -13.28 3.71
CA GLN A 211 -8.74 -13.69 4.36
C GLN A 211 -9.75 -14.16 3.29
N GLY A 212 -10.43 -15.27 3.56
CA GLY A 212 -11.50 -15.77 2.67
C GLY A 212 -11.63 -17.26 2.84
N ASP A 213 -12.39 -17.93 1.98
CA ASP A 213 -12.67 -19.37 2.16
C ASP A 213 -11.39 -20.11 1.73
N GLU A 214 -11.35 -21.41 1.87
CA GLU A 214 -10.13 -22.18 1.49
C GLU A 214 -9.69 -21.90 0.04
N GLU A 215 -10.57 -21.96 -0.96
CA GLU A 215 -10.07 -21.81 -2.35
C GLU A 215 -9.34 -20.46 -2.46
N ALA A 216 -9.91 -19.41 -1.86
CA ALA A 216 -9.33 -18.05 -1.93
C ALA A 216 -7.97 -18.02 -1.24
N GLN A 217 -7.87 -18.67 -0.09
CA GLN A 217 -6.63 -18.64 0.70
C GLN A 217 -5.55 -19.39 -0.08
N VAL A 218 -5.88 -20.48 -0.76
CA VAL A 218 -4.87 -21.25 -1.55
C VAL A 218 -4.41 -20.42 -2.76
N ASN A 219 -5.35 -19.85 -3.50
CA ASN A 219 -5.01 -18.93 -4.64
C ASN A 219 -4.08 -17.81 -4.13
N PHE A 220 -4.39 -17.22 -2.96
CA PHE A 220 -3.50 -16.15 -2.41
C PHE A 220 -2.04 -16.67 -2.23
N LEU A 221 -1.87 -17.82 -1.63
CA LEU A 221 -0.52 -18.42 -1.41
C LEU A 221 0.18 -18.68 -2.73
N LYS A 222 -0.55 -19.13 -3.75
CA LYS A 222 0.01 -19.44 -5.09
C LYS A 222 0.59 -18.17 -5.73
N GLU A 223 0.05 -16.98 -5.47
CA GLU A 223 0.63 -15.72 -6.02
C GLU A 223 1.73 -15.20 -5.08
N VAL A 224 1.53 -15.23 -3.76
CA VAL A 224 2.51 -14.49 -2.87
C VAL A 224 3.76 -15.31 -2.54
N LEU A 225 3.66 -16.62 -2.34
CA LEU A 225 4.87 -17.38 -1.91
C LEU A 225 6.01 -17.23 -2.91
N PRO A 226 5.80 -17.39 -4.23
CA PRO A 226 6.95 -17.24 -5.13
C PRO A 226 7.49 -15.80 -5.18
N TRP A 227 6.59 -14.81 -5.04
CA TRP A 227 6.96 -13.40 -5.08
C TRP A 227 7.87 -13.14 -3.85
N LEU A 228 7.48 -13.66 -2.70
CA LEU A 228 8.27 -13.53 -1.44
C LEU A 228 9.61 -14.22 -1.64
N ASP A 229 9.59 -15.45 -2.13
CA ASP A 229 10.85 -16.26 -2.31
C ASP A 229 11.85 -15.49 -3.24
N SER A 230 11.36 -14.78 -4.25
CA SER A 230 12.16 -14.03 -5.26
C SER A 230 12.56 -12.66 -4.75
N ASN A 231 11.98 -12.16 -3.65
CA ASN A 231 12.13 -10.75 -3.25
C ASN A 231 13.42 -10.63 -2.45
N ALA A 232 14.44 -9.98 -3.01
CA ALA A 232 15.78 -9.89 -2.35
C ALA A 232 15.65 -9.14 -1.03
N GLY A 233 14.65 -8.26 -0.90
CA GLY A 233 14.34 -7.45 0.30
C GLY A 233 13.76 -8.23 1.51
N VAL A 234 13.18 -9.40 1.28
CA VAL A 234 12.46 -10.24 2.28
C VAL A 234 13.41 -11.36 2.71
N GLU A 235 13.98 -11.32 3.91
CA GLU A 235 14.93 -12.38 4.37
C GLU A 235 14.12 -13.62 4.83
N ARG A 236 12.96 -13.40 5.50
CA ARG A 236 12.14 -14.46 6.14
C ARG A 236 10.65 -14.08 6.14
N TYR A 237 9.75 -15.07 6.20
CA TYR A 237 8.30 -14.78 6.33
C TYR A 237 7.62 -15.94 7.06
N ALA A 238 6.41 -15.70 7.59
CA ALA A 238 5.57 -16.77 8.19
C ALA A 238 4.11 -16.46 7.89
N SER A 239 3.40 -17.38 7.20
N SER A 239 3.41 -17.37 7.19
CA SER A 239 1.93 -17.27 7.02
CA SER A 239 1.93 -17.33 7.04
C SER A 239 1.25 -17.38 8.39
C SER A 239 1.29 -17.32 8.43
N PHE A 240 0.07 -16.75 8.55
CA PHE A 240 -0.71 -16.74 9.82
C PHE A 240 -1.83 -17.76 9.73
N PHE A 241 -1.75 -18.84 10.51
CA PHE A 241 -0.57 -19.32 11.22
C PHE A 241 -0.72 -20.85 11.37
N VAL A 242 0.26 -21.53 11.98
CA VAL A 242 0.27 -23.03 11.99
C VAL A 242 -1.09 -23.58 12.48
N ASP A 243 -1.58 -23.08 13.60
CA ASP A 243 -2.73 -23.76 14.29
C ASP A 243 -3.99 -23.68 13.39
N ASN A 244 -4.07 -22.71 12.48
CA ASN A 244 -5.23 -22.60 11.56
C ASN A 244 -5.04 -23.52 10.34
N LEU A 245 -3.81 -23.97 10.08
CA LEU A 245 -3.46 -24.66 8.83
C LEU A 245 -3.60 -26.18 9.04
N VAL A 246 -3.84 -26.58 10.29
CA VAL A 246 -3.91 -28.01 10.72
C VAL A 246 -5.32 -28.26 11.33
N LYS A 247 -5.94 -29.42 10.99
CA LYS A 247 -7.21 -29.96 11.54
C LYS A 247 -7.13 -31.50 11.63
N GLY A 248 -7.52 -32.08 12.76
CA GLY A 248 -7.58 -33.55 12.93
C GLY A 248 -6.18 -34.17 12.78
N GLY A 249 -5.15 -33.40 13.15
CA GLY A 249 -3.70 -33.72 13.09
C GLY A 249 -3.14 -33.69 11.67
N ALA A 250 -3.84 -33.03 10.74
CA ALA A 250 -3.66 -33.12 9.29
C ALA A 250 -3.61 -31.71 8.72
N LEU A 251 -2.75 -31.42 7.77
CA LEU A 251 -2.72 -30.16 7.00
C LEU A 251 -4.04 -29.98 6.26
N THR A 252 -4.68 -28.82 6.39
CA THR A 252 -5.83 -28.43 5.54
C THR A 252 -5.33 -28.24 4.11
N SER A 253 -6.25 -27.99 3.16
CA SER A 253 -5.83 -27.65 1.79
C SER A 253 -4.92 -26.42 1.82
N VAL A 254 -5.14 -25.49 2.76
CA VAL A 254 -4.31 -24.28 2.88
C VAL A 254 -2.89 -24.63 3.43
N GLY A 255 -2.82 -25.46 4.48
CA GLY A 255 -1.55 -25.97 5.04
C GLY A 255 -0.75 -26.76 4.01
N LYS A 256 -1.45 -27.52 3.15
CA LYS A 256 -0.75 -28.29 2.08
C LYS A 256 -0.14 -27.30 1.11
N ALA A 257 -0.85 -26.20 0.77
CA ALA A 257 -0.32 -25.23 -0.19
C ALA A 257 0.93 -24.58 0.44
N TYR A 258 0.81 -24.24 1.71
CA TYR A 258 1.94 -23.57 2.40
C TYR A 258 3.20 -24.46 2.44
N LYS A 259 3.04 -25.77 2.52
CA LYS A 259 4.18 -26.73 2.44
C LYS A 259 4.74 -26.92 1.02
N THR A 260 3.92 -26.97 -0.04
CA THR A 260 4.33 -27.57 -1.34
C THR A 260 4.72 -26.48 -2.34
N ILE A 261 4.17 -25.27 -2.24
CA ILE A 261 4.41 -24.24 -3.29
C ILE A 261 5.89 -23.81 -3.32
N GLY B 18 -30.18 36.98 -21.97
CA GLY B 18 -29.17 35.89 -21.90
C GLY B 18 -29.72 34.66 -21.19
N SER B 19 -28.92 33.61 -21.09
CA SER B 19 -29.17 32.44 -20.20
C SER B 19 -28.40 32.53 -18.85
N HIS B 20 -27.72 33.66 -18.52
CA HIS B 20 -27.10 33.84 -17.17
C HIS B 20 -27.26 35.27 -16.66
N MET B 21 -27.40 35.44 -15.34
CA MET B 21 -27.53 36.80 -14.73
CA MET B 21 -27.54 36.78 -14.70
CA MET B 21 -27.54 36.77 -14.69
C MET B 21 -26.13 37.36 -14.53
N ALA B 22 -26.02 38.69 -14.36
CA ALA B 22 -24.72 39.39 -14.19
C ALA B 22 -23.87 38.66 -13.12
N ASP B 23 -24.49 38.10 -12.06
CA ASP B 23 -23.82 37.55 -10.84
C ASP B 23 -23.02 36.28 -11.21
N TYR B 24 -23.22 35.75 -12.41
CA TYR B 24 -22.60 34.49 -12.95
C TYR B 24 -21.24 34.79 -13.59
N TYR B 25 -20.97 36.04 -13.98
CA TYR B 25 -19.70 36.49 -14.60
C TYR B 25 -18.88 37.23 -13.54
N THR B 26 -18.75 36.66 -12.34
CA THR B 26 -18.08 37.37 -11.22
C THR B 26 -16.62 36.91 -11.19
N ILE B 27 -15.69 37.88 -11.07
CA ILE B 27 -14.24 37.61 -10.80
C ILE B 27 -14.17 36.45 -9.80
N ALA B 28 -13.49 35.36 -10.19
CA ALA B 28 -13.31 34.15 -9.38
C ALA B 28 -12.51 34.52 -8.13
N ALA B 29 -13.03 34.19 -6.95
CA ALA B 29 -12.48 34.64 -5.65
C ALA B 29 -11.02 34.16 -5.47
N ASN B 30 -10.66 32.92 -5.89
CA ASN B 30 -9.29 32.36 -5.69
C ASN B 30 -9.10 31.13 -6.58
N PRO B 31 -8.63 31.31 -7.83
CA PRO B 31 -8.51 30.19 -8.77
C PRO B 31 -7.25 29.30 -8.64
N GLY B 32 -6.18 29.84 -8.02
CA GLY B 32 -4.82 29.26 -8.05
C GLY B 32 -4.35 28.89 -9.46
N SER B 33 -3.75 27.70 -9.60
CA SER B 33 -3.16 27.22 -10.87
C SER B 33 -4.26 26.71 -11.81
N GLY B 34 -5.46 26.42 -11.27
CA GLY B 34 -6.59 25.90 -12.05
C GLY B 34 -6.50 24.39 -12.19
N LYS B 35 -5.46 23.77 -11.62
CA LYS B 35 -5.18 22.32 -11.81
C LYS B 35 -5.91 21.49 -10.73
N ARG B 36 -6.17 22.06 -9.55
CA ARG B 36 -6.49 21.30 -8.32
C ARG B 36 -7.94 20.73 -8.40
N GLY B 37 -8.12 19.42 -8.21
CA GLY B 37 -9.48 18.82 -8.24
C GLY B 37 -10.01 18.21 -6.94
N LEU B 38 -11.27 17.82 -7.00
CA LEU B 38 -12.08 17.29 -5.88
C LEU B 38 -12.59 15.94 -6.27
N ALA B 39 -11.96 14.94 -5.68
CA ALA B 39 -12.30 13.50 -5.82
C ALA B 39 -13.14 13.06 -4.63
N TYR B 40 -14.34 12.63 -4.90
CA TYR B 40 -15.36 12.48 -3.84
C TYR B 40 -16.16 11.18 -3.96
N ASN B 41 -16.71 10.71 -2.81
CA ASN B 41 -17.84 9.75 -2.80
C ASN B 41 -19.10 10.53 -2.44
N ASN B 42 -19.10 11.24 -1.31
CA ASN B 42 -20.31 11.95 -0.80
C ASN B 42 -20.31 13.39 -1.34
N ILE B 43 -21.15 13.69 -2.35
CA ILE B 43 -21.21 15.04 -2.97
C ILE B 43 -21.43 16.13 -1.91
N ASN B 44 -22.20 15.84 -0.86
CA ASN B 44 -22.50 16.83 0.21
C ASN B 44 -21.15 17.32 0.78
N LEU B 45 -20.05 16.58 0.64
CA LEU B 45 -18.82 16.96 1.40
C LEU B 45 -17.98 17.92 0.58
N LEU B 46 -18.37 18.23 -0.66
CA LEU B 46 -17.66 19.28 -1.45
C LEU B 46 -17.93 20.67 -0.81
N THR B 47 -19.01 20.83 -0.05
CA THR B 47 -19.43 22.15 0.51
C THR B 47 -18.29 22.77 1.32
N ALA B 48 -17.46 21.95 1.98
CA ALA B 48 -16.37 22.46 2.85
C ALA B 48 -15.28 23.15 1.99
N PHE B 49 -15.20 22.86 0.69
CA PHE B 49 -14.14 23.32 -0.25
C PHE B 49 -14.63 24.50 -1.09
N GLU B 50 -15.86 24.95 -0.84
CA GLU B 50 -16.47 26.10 -1.58
C GLU B 50 -15.49 27.26 -1.44
N GLY B 51 -15.17 27.96 -2.55
CA GLY B 51 -14.25 29.09 -2.61
C GLY B 51 -12.76 28.73 -2.70
N GLY B 52 -12.38 27.47 -2.58
CA GLY B 52 -10.96 27.11 -2.78
C GLY B 52 -10.59 27.12 -4.26
N PRO B 53 -9.31 26.88 -4.60
CA PRO B 53 -8.81 26.94 -5.95
C PRO B 53 -9.08 25.60 -6.65
N PHE B 54 -10.37 25.27 -6.83
CA PHE B 54 -10.82 23.98 -7.43
C PHE B 54 -11.55 24.24 -8.75
N SER B 55 -11.13 23.52 -9.78
CA SER B 55 -11.75 23.69 -11.12
C SER B 55 -12.62 22.49 -11.53
N TRP B 56 -12.42 21.32 -10.92
CA TRP B 56 -13.03 20.09 -11.47
C TRP B 56 -13.31 19.12 -10.34
N SER B 57 -14.06 18.09 -10.68
CA SER B 57 -14.45 17.01 -9.74
C SER B 57 -14.59 15.70 -10.49
N TYR B 58 -14.42 14.58 -9.77
CA TYR B 58 -14.75 13.24 -10.28
C TYR B 58 -15.02 12.34 -9.07
N ASN B 59 -15.74 11.24 -9.30
CA ASN B 59 -16.26 10.38 -8.19
C ASN B 59 -16.13 8.89 -8.49
N TRP B 60 -15.22 8.48 -9.39
CA TRP B 60 -14.94 7.09 -9.79
C TRP B 60 -16.23 6.48 -10.39
N GLU B 61 -17.21 7.32 -10.76
CA GLU B 61 -18.51 6.87 -11.31
C GLU B 61 -18.79 7.59 -12.61
N PRO B 62 -19.76 7.10 -13.42
CA PRO B 62 -20.07 7.78 -14.69
C PRO B 62 -21.11 8.89 -14.51
N ARG B 63 -21.75 8.92 -13.36
CA ARG B 63 -22.79 9.96 -13.05
C ARG B 63 -22.38 10.69 -11.78
N PRO B 64 -22.61 12.02 -11.69
CA PRO B 64 -22.17 12.79 -10.53
C PRO B 64 -22.95 12.59 -9.20
N GLY B 65 -24.20 12.14 -9.23
CA GLY B 65 -24.84 11.86 -7.92
C GLY B 65 -25.48 13.14 -7.37
N GLY B 66 -25.58 14.11 -8.25
CA GLY B 66 -26.08 15.45 -7.92
C GLY B 66 -25.39 16.51 -8.74
N TYR B 67 -25.52 17.78 -8.32
CA TYR B 67 -25.12 18.96 -9.11
C TYR B 67 -24.17 19.81 -8.27
N THR B 68 -23.05 20.24 -8.84
CA THR B 68 -22.07 21.15 -8.18
C THR B 68 -21.82 22.35 -9.09
N ALA B 69 -22.34 23.53 -8.71
CA ALA B 69 -22.21 24.72 -9.56
C ALA B 69 -20.73 25.12 -9.69
N GLY B 70 -20.34 25.62 -10.87
CA GLY B 70 -19.06 26.30 -11.08
C GLY B 70 -17.89 25.34 -11.14
N ILE B 71 -18.14 24.04 -11.16
CA ILE B 71 -17.05 23.03 -11.11
C ILE B 71 -17.30 22.07 -12.27
N GLU B 72 -16.26 21.68 -13.02
CA GLU B 72 -16.47 20.77 -14.13
C GLU B 72 -16.50 19.39 -13.52
N TYR B 73 -17.60 18.66 -13.64
CA TYR B 73 -17.62 17.20 -13.36
C TYR B 73 -17.05 16.41 -14.56
N VAL B 74 -16.21 15.42 -14.25
CA VAL B 74 -15.56 14.54 -15.26
C VAL B 74 -16.11 13.15 -15.04
N PRO B 75 -16.97 12.63 -15.94
CA PRO B 75 -17.39 11.27 -15.89
C PRO B 75 -16.24 10.25 -16.10
N MET B 76 -16.28 9.15 -15.35
CA MET B 76 -15.36 8.00 -15.54
C MET B 76 -16.13 6.76 -15.96
N LEU B 77 -15.53 6.08 -16.96
CA LEU B 77 -15.81 4.69 -17.35
C LEU B 77 -14.91 3.79 -16.53
N TRP B 78 -15.38 3.30 -15.40
CA TRP B 78 -14.54 2.70 -14.34
C TRP B 78 -13.99 1.38 -14.84
N GLY B 79 -14.76 0.66 -15.67
CA GLY B 79 -14.38 -0.71 -16.10
C GLY B 79 -15.57 -1.37 -16.80
N PRO B 80 -15.45 -2.67 -17.11
CA PRO B 80 -16.49 -3.39 -17.85
C PRO B 80 -17.91 -3.30 -17.24
N ARG B 81 -18.01 -3.22 -15.92
CA ARG B 81 -19.36 -3.13 -15.25
C ARG B 81 -20.16 -1.91 -15.76
N GLY B 82 -19.47 -0.86 -16.27
CA GLY B 82 -20.06 0.40 -16.75
C GLY B 82 -20.47 0.38 -18.20
N TYR B 83 -20.14 -0.66 -18.96
CA TYR B 83 -20.30 -0.58 -20.44
C TYR B 83 -21.76 -0.47 -20.84
N GLY B 84 -22.68 -1.08 -20.11
CA GLY B 84 -24.12 -1.08 -20.45
C GLY B 84 -24.78 0.29 -20.44
N SER B 85 -24.23 1.28 -19.76
CA SER B 85 -24.87 2.61 -19.65
C SER B 85 -23.92 3.72 -20.13
N TRP B 86 -22.69 3.43 -20.54
CA TRP B 86 -21.65 4.45 -20.80
C TRP B 86 -22.07 5.46 -21.90
N ASN B 87 -22.65 5.02 -23.02
CA ASN B 87 -23.09 6.01 -24.04
C ASN B 87 -24.04 7.02 -23.38
N ALA B 88 -25.09 6.59 -22.68
CA ALA B 88 -26.05 7.51 -22.03
C ALA B 88 -25.32 8.39 -20.99
N ASP B 89 -24.44 7.79 -20.18
CA ASP B 89 -23.72 8.53 -19.12
C ASP B 89 -22.85 9.61 -19.79
N ALA B 90 -21.98 9.22 -20.73
CA ALA B 90 -21.04 10.15 -21.40
C ALA B 90 -21.82 11.32 -22.07
N GLU B 91 -22.87 11.02 -22.82
CA GLU B 91 -23.69 12.05 -23.49
C GLU B 91 -24.34 12.97 -22.45
N ALA B 92 -24.81 12.41 -21.34
CA ALA B 92 -25.44 13.23 -20.28
C ALA B 92 -24.41 14.20 -19.72
N GLY B 93 -23.19 13.71 -19.50
CA GLY B 93 -22.13 14.52 -18.87
C GLY B 93 -21.63 15.57 -19.85
N ILE B 94 -21.61 15.22 -21.13
CA ILE B 94 -21.22 16.17 -22.20
C ILE B 94 -22.31 17.24 -22.32
N ALA B 95 -23.57 16.83 -22.46
CA ALA B 95 -24.75 17.71 -22.41
C ALA B 95 -24.69 18.67 -21.22
N ALA B 96 -24.11 18.27 -20.08
CA ALA B 96 -24.05 19.11 -18.86
C ALA B 96 -22.78 19.99 -18.83
N GLY B 97 -21.98 20.04 -19.90
CA GLY B 97 -20.78 20.91 -19.93
C GLY B 97 -19.45 20.20 -19.74
N SER B 98 -19.43 18.90 -19.40
CA SER B 98 -18.19 18.07 -19.31
C SER B 98 -17.37 18.22 -20.59
N LYS B 99 -16.09 18.57 -20.45
CA LYS B 99 -15.12 18.68 -21.58
C LYS B 99 -14.09 17.54 -21.60
N ASN B 100 -14.15 16.63 -20.64
CA ASN B 100 -13.16 15.52 -20.48
C ASN B 100 -13.95 14.29 -20.04
N LEU B 101 -13.37 13.14 -20.29
CA LEU B 101 -13.86 11.82 -19.84
C LEU B 101 -12.65 11.00 -19.43
N LEU B 102 -12.78 10.23 -18.36
CA LEU B 102 -11.72 9.33 -17.82
C LEU B 102 -12.09 7.89 -18.10
N ALA B 103 -11.09 7.07 -18.44
CA ALA B 103 -11.23 5.63 -18.63
C ALA B 103 -10.92 4.89 -17.31
N PHE B 104 -10.60 3.63 -17.41
CA PHE B 104 -10.74 2.59 -16.36
C PHE B 104 -9.88 2.93 -15.18
N ASN B 105 -10.38 2.50 -14.02
CA ASN B 105 -9.68 2.72 -12.74
C ASN B 105 -8.85 1.51 -12.35
N GLU B 106 -7.52 1.70 -12.32
CA GLU B 106 -6.49 0.71 -11.87
C GLU B 106 -6.74 -0.64 -12.53
N PRO B 107 -6.85 -0.69 -13.89
CA PRO B 107 -6.92 -2.00 -14.57
C PRO B 107 -5.76 -2.92 -14.21
N ASP B 108 -4.64 -2.31 -13.76
CA ASP B 108 -3.42 -3.03 -13.34
C ASP B 108 -3.65 -3.71 -11.97
N ILE B 109 -4.73 -3.48 -11.26
CA ILE B 109 -4.95 -3.96 -9.87
C ILE B 109 -6.11 -4.95 -9.84
N ALA B 110 -5.89 -6.16 -9.32
CA ALA B 110 -6.86 -7.28 -9.46
C ALA B 110 -8.16 -6.96 -8.67
N SER B 111 -8.11 -6.14 -7.63
CA SER B 111 -9.27 -5.71 -6.79
C SER B 111 -9.99 -4.51 -7.38
N GLN B 112 -9.51 -3.97 -8.51
CA GLN B 112 -10.05 -2.78 -9.18
C GLN B 112 -10.55 -3.23 -10.56
N ALA B 113 -10.29 -2.49 -11.62
CA ALA B 113 -10.91 -2.86 -12.90
C ALA B 113 -10.39 -4.21 -13.42
N ASN B 114 -9.11 -4.56 -13.14
CA ASN B 114 -8.61 -5.95 -13.34
C ASN B 114 -8.70 -6.31 -14.83
N MET B 115 -7.91 -5.63 -15.70
CA MET B 115 -8.03 -5.71 -17.19
C MET B 115 -6.61 -5.85 -17.75
N SER B 116 -6.40 -6.79 -18.64
CA SER B 116 -5.12 -6.90 -19.36
C SER B 116 -4.92 -5.67 -20.25
N PRO B 117 -3.64 -5.31 -20.55
CA PRO B 117 -3.37 -4.22 -21.49
C PRO B 117 -4.10 -4.42 -22.83
N GLU B 118 -4.17 -5.67 -23.32
CA GLU B 118 -4.81 -5.91 -24.63
C GLU B 118 -6.28 -5.59 -24.51
N ALA B 119 -6.92 -6.13 -23.47
CA ALA B 119 -8.39 -6.00 -23.29
C ALA B 119 -8.76 -4.52 -23.12
N ALA B 120 -7.91 -3.75 -22.40
CA ALA B 120 -8.14 -2.30 -22.14
C ALA B 120 -8.01 -1.51 -23.46
N ALA B 121 -7.04 -1.86 -24.31
CA ALA B 121 -6.78 -1.18 -25.61
C ALA B 121 -8.00 -1.37 -26.53
N ALA B 122 -8.60 -2.55 -26.55
CA ALA B 122 -9.78 -2.82 -27.45
C ALA B 122 -10.94 -1.98 -26.87
N ALA B 123 -11.12 -2.05 -25.55
CA ALA B 123 -12.30 -1.41 -24.88
C ALA B 123 -12.20 0.11 -25.04
N TYR B 124 -10.96 0.65 -24.90
CA TYR B 124 -10.74 2.12 -24.93
C TYR B 124 -11.20 2.55 -26.34
N GLN B 125 -10.88 1.74 -27.35
CA GLN B 125 -11.13 2.12 -28.77
C GLN B 125 -12.65 2.06 -28.96
N LYS B 126 -13.34 1.08 -28.36
CA LYS B 126 -14.80 0.87 -28.56
C LYS B 126 -15.61 1.93 -27.78
N TYR B 127 -15.19 2.31 -26.56
CA TYR B 127 -16.01 3.16 -25.65
C TYR B 127 -15.48 4.58 -25.51
N MET B 128 -14.19 4.86 -25.60
CA MET B 128 -13.63 6.23 -25.40
C MET B 128 -13.51 6.97 -26.75
N ASN B 129 -12.84 6.38 -27.73
CA ASN B 129 -12.55 7.03 -29.03
C ASN B 129 -13.79 7.70 -29.65
N PRO B 130 -15.02 7.13 -29.61
CA PRO B 130 -16.16 7.78 -30.30
C PRO B 130 -16.58 9.17 -29.78
N TYR B 131 -16.08 9.59 -28.61
CA TYR B 131 -16.42 10.89 -27.98
C TYR B 131 -15.31 11.91 -28.24
N ALA B 132 -14.24 11.58 -28.97
CA ALA B 132 -13.06 12.46 -29.18
C ALA B 132 -13.44 13.84 -29.76
N ALA B 133 -14.48 13.91 -30.57
CA ALA B 133 -14.94 15.21 -31.16
C ALA B 133 -15.53 16.17 -30.11
N ARG B 134 -16.03 15.66 -28.96
CA ARG B 134 -16.76 16.45 -27.95
C ARG B 134 -16.09 16.41 -26.59
N ALA B 135 -14.97 15.72 -26.47
CA ALA B 135 -14.25 15.62 -25.18
C ALA B 135 -12.81 15.24 -25.37
N ARG B 136 -11.97 15.73 -24.44
CA ARG B 136 -10.58 15.28 -24.30
C ARG B 136 -10.62 14.03 -23.41
N LEU B 137 -9.82 13.05 -23.80
CA LEU B 137 -9.95 11.65 -23.31
C LEU B 137 -8.73 11.27 -22.47
N GLY B 138 -8.99 10.76 -21.25
CA GLY B 138 -7.96 10.35 -20.30
C GLY B 138 -7.69 8.83 -20.38
N SER B 139 -6.43 8.42 -20.38
CA SER B 139 -5.98 7.01 -20.27
C SER B 139 -6.60 6.34 -19.04
N PRO B 140 -6.66 4.99 -19.03
CA PRO B 140 -6.93 4.25 -17.80
C PRO B 140 -5.87 4.75 -16.82
N ALA B 141 -6.27 4.82 -15.56
CA ALA B 141 -5.42 5.34 -14.46
C ALA B 141 -4.69 4.15 -13.84
N VAL B 142 -3.34 4.14 -13.85
CA VAL B 142 -2.61 3.01 -13.27
C VAL B 142 -2.22 3.41 -11.83
N SER B 143 -1.92 2.40 -11.02
CA SER B 143 -1.30 2.51 -9.67
C SER B 143 0.18 2.84 -9.78
N ASN B 144 0.87 3.09 -8.65
CA ASN B 144 2.34 3.20 -8.67
C ASN B 144 2.98 1.84 -8.38
N GLY B 145 2.24 0.76 -8.52
CA GLY B 145 2.81 -0.60 -8.45
C GLY B 145 4.05 -0.74 -9.31
N ALA B 146 4.99 -1.54 -8.86
CA ALA B 146 6.17 -1.95 -9.67
C ALA B 146 5.73 -2.62 -10.96
N PRO B 147 6.40 -2.36 -12.12
CA PRO B 147 6.22 -3.22 -13.30
C PRO B 147 6.28 -4.69 -12.86
N PRO B 148 5.37 -5.56 -13.34
CA PRO B 148 4.49 -5.34 -14.50
C PRO B 148 3.20 -4.55 -14.26
N LYS B 149 3.03 -4.07 -13.03
CA LYS B 149 1.86 -3.20 -12.66
C LYS B 149 2.27 -1.77 -12.96
N GLY B 150 1.42 -0.79 -12.66
CA GLY B 150 1.81 0.61 -12.77
C GLY B 150 2.23 1.06 -14.16
N LEU B 151 3.34 1.77 -14.24
CA LEU B 151 3.87 2.34 -15.51
C LEU B 151 4.33 1.21 -16.46
N GLY B 152 4.60 -0.02 -15.96
CA GLY B 152 4.78 -1.20 -16.82
C GLY B 152 3.50 -1.58 -17.54
N TRP B 153 2.37 -1.55 -16.79
CA TRP B 153 1.04 -1.84 -17.36
C TRP B 153 0.78 -0.78 -18.44
N MET B 154 0.99 0.49 -18.07
CA MET B 154 0.72 1.58 -19.04
C MET B 154 1.56 1.37 -20.33
N GLN B 155 2.85 1.07 -20.23
CA GLN B 155 3.61 0.80 -21.50
C GLN B 155 2.96 -0.31 -22.34
N GLY B 156 2.47 -1.38 -21.69
CA GLY B 156 1.80 -2.51 -22.41
C GLY B 156 0.56 -2.06 -23.09
N PHE B 157 -0.24 -1.22 -22.41
CA PHE B 157 -1.47 -0.66 -22.95
C PHE B 157 -1.15 0.23 -24.18
N LEU B 158 -0.23 1.16 -24.02
CA LEU B 158 0.18 2.05 -25.15
C LEU B 158 0.81 1.25 -26.31
N ASP B 159 1.49 0.13 -26.03
CA ASP B 159 2.00 -0.74 -27.12
C ASP B 159 0.80 -1.34 -27.87
N VAL B 160 -0.21 -1.83 -27.13
CA VAL B 160 -1.28 -2.54 -27.87
C VAL B 160 -2.13 -1.53 -28.60
N CYS B 161 -2.45 -0.38 -27.96
CA CYS B 161 -3.15 0.75 -28.59
C CYS B 161 -2.48 1.06 -29.93
N ALA B 162 -1.14 1.00 -29.97
CA ALA B 162 -0.36 1.16 -31.23
C ALA B 162 -0.87 2.40 -32.04
N GLY B 163 -1.04 3.53 -31.35
CA GLY B 163 -1.40 4.83 -31.94
C GLY B 163 -2.87 4.98 -32.30
N ASN B 164 -3.71 3.97 -32.06
CA ASN B 164 -5.12 3.97 -32.52
C ASN B 164 -6.10 4.19 -31.34
N CYS B 165 -5.57 4.43 -30.13
CA CYS B 165 -6.32 4.98 -28.95
C CYS B 165 -6.15 6.51 -28.97
N LYS B 166 -7.27 7.26 -28.92
CA LYS B 166 -7.25 8.74 -28.88
C LYS B 166 -7.10 9.13 -27.42
N ILE B 167 -5.88 9.50 -27.07
CA ILE B 167 -5.54 9.81 -25.67
C ILE B 167 -4.97 11.23 -25.60
N ASP B 168 -5.66 12.10 -24.85
CA ASP B 168 -5.20 13.48 -24.70
C ASP B 168 -4.28 13.56 -23.47
N PHE B 169 -4.47 12.76 -22.43
CA PHE B 169 -3.61 12.84 -21.21
C PHE B 169 -3.50 11.46 -20.57
N LEU B 170 -2.36 11.16 -19.94
CA LEU B 170 -2.28 9.92 -19.08
C LEU B 170 -2.88 10.26 -17.72
N ALA B 171 -3.60 9.32 -17.09
CA ALA B 171 -4.09 9.35 -15.70
C ALA B 171 -3.27 8.40 -14.86
N VAL B 172 -2.70 8.89 -13.76
CA VAL B 172 -1.78 8.07 -12.90
C VAL B 172 -2.10 8.36 -11.43
N HIS B 173 -1.77 7.37 -10.58
CA HIS B 173 -2.07 7.36 -9.14
C HIS B 173 -0.74 7.14 -8.41
N TRP B 174 -0.54 7.81 -7.30
CA TRP B 174 0.58 7.47 -6.36
C TRP B 174 0.12 7.49 -4.89
N HIS B 175 0.34 6.39 -4.20
CA HIS B 175 0.08 6.29 -2.74
C HIS B 175 1.41 5.87 -2.11
N GLY B 176 1.80 6.57 -1.07
CA GLY B 176 3.05 6.24 -0.36
C GLY B 176 3.20 7.05 0.90
N PRO B 177 4.29 6.83 1.66
CA PRO B 177 4.55 7.65 2.83
C PRO B 177 4.81 9.13 2.56
N SER B 178 4.29 9.98 3.44
CA SER B 178 4.49 11.44 3.44
C SER B 178 5.98 11.78 3.33
N GLY B 179 6.88 10.95 3.86
CA GLY B 179 8.34 11.19 3.82
C GLY B 179 8.96 10.80 2.48
N ASN B 180 8.18 10.36 1.47
CA ASN B 180 8.81 9.89 0.20
C ASN B 180 8.39 10.78 -0.96
N VAL B 181 8.51 12.08 -0.76
CA VAL B 181 8.27 13.10 -1.81
C VAL B 181 9.19 12.80 -3.00
N ASP B 182 10.45 12.44 -2.79
CA ASP B 182 11.36 12.19 -3.93
C ASP B 182 10.82 11.07 -4.83
N ASP B 183 10.23 10.01 -4.27
CA ASP B 183 9.63 8.89 -5.06
C ASP B 183 8.41 9.40 -5.83
N PHE B 184 7.55 10.18 -5.17
CA PHE B 184 6.37 10.74 -5.84
C PHE B 184 6.86 11.47 -7.07
N LYS B 185 7.85 12.33 -6.87
CA LYS B 185 8.34 13.21 -7.98
C LYS B 185 8.95 12.36 -9.09
N ARG B 186 9.72 11.34 -8.70
CA ARG B 186 10.33 10.31 -9.61
C ARG B 186 9.24 9.72 -10.50
N TYR B 187 8.16 9.30 -9.87
CA TYR B 187 7.06 8.56 -10.54
C TYR B 187 6.34 9.48 -11.54
N VAL B 188 5.95 10.69 -11.11
CA VAL B 188 5.27 11.67 -11.96
C VAL B 188 6.18 12.05 -13.15
N SER B 189 7.46 12.33 -12.92
CA SER B 189 8.38 12.69 -14.03
C SER B 189 8.52 11.51 -14.99
N GLU B 190 8.56 10.28 -14.48
CA GLU B 190 8.61 9.10 -15.38
CA GLU B 190 8.58 9.06 -15.34
C GLU B 190 7.31 8.96 -16.19
N ALA B 191 6.14 9.16 -15.58
CA ALA B 191 4.84 9.14 -16.30
C ALA B 191 4.82 10.18 -17.41
N ILE B 192 5.26 11.42 -17.12
CA ILE B 192 5.32 12.53 -18.12
C ILE B 192 6.21 12.08 -19.27
N ALA B 193 7.38 11.55 -18.97
CA ALA B 193 8.30 11.14 -20.05
C ALA B 193 7.65 10.03 -20.91
N LEU B 194 6.89 9.09 -20.28
CA LEU B 194 6.27 7.94 -21.00
C LEU B 194 5.23 8.49 -21.94
N GLY B 195 4.42 9.44 -21.48
CA GLY B 195 3.34 9.96 -22.35
C GLY B 195 3.93 10.64 -23.57
N GLN B 196 5.01 11.40 -23.37
CA GLN B 196 5.67 12.19 -24.43
C GLN B 196 6.29 11.21 -25.43
N LYS B 197 6.75 10.04 -24.99
CA LYS B 197 7.31 9.03 -25.93
C LYS B 197 6.21 8.47 -26.86
N TYR B 198 4.98 8.41 -26.40
CA TYR B 198 3.79 7.90 -27.14
C TYR B 198 2.86 8.99 -27.69
N GLY B 199 3.29 10.25 -27.75
CA GLY B 199 2.55 11.36 -28.38
C GLY B 199 1.41 11.88 -27.48
N ILE B 200 1.58 11.83 -26.17
CA ILE B 200 0.57 12.36 -25.18
C ILE B 200 1.26 13.43 -24.35
N GLY B 201 0.79 14.67 -24.42
CA GLY B 201 1.59 15.83 -23.94
C GLY B 201 1.50 16.15 -22.46
N THR B 202 0.61 15.52 -21.69
CA THR B 202 0.46 15.93 -20.27
C THR B 202 -0.13 14.75 -19.50
N VAL B 203 0.03 14.80 -18.18
CA VAL B 203 -0.65 13.83 -17.29
C VAL B 203 -1.68 14.52 -16.39
N TRP B 204 -2.64 13.78 -15.85
CA TRP B 204 -3.45 14.14 -14.65
C TRP B 204 -3.06 13.15 -13.57
N VAL B 205 -2.68 13.65 -12.39
CA VAL B 205 -2.45 12.81 -11.20
C VAL B 205 -3.80 12.70 -10.43
N THR B 206 -4.62 11.73 -10.80
CA THR B 206 -6.03 11.68 -10.34
C THR B 206 -6.17 11.03 -8.97
N GLU B 207 -5.07 10.50 -8.42
CA GLU B 207 -5.00 10.20 -6.96
C GLU B 207 -3.58 10.43 -6.52
N PHE B 208 -3.37 11.11 -5.43
CA PHE B 208 -2.11 10.94 -4.66
C PHE B 208 -2.48 11.06 -3.20
N GLU B 209 -1.76 10.26 -2.43
CA GLU B 209 -1.94 10.14 -0.98
C GLU B 209 -0.56 10.08 -0.32
N GLY B 210 -0.18 11.13 0.37
CA GLY B 210 1.06 11.15 1.19
C GLY B 210 0.71 10.75 2.61
N GLN B 211 0.90 9.47 2.94
CA GLN B 211 0.31 8.88 4.16
C GLN B 211 1.12 9.26 5.40
N GLY B 212 0.41 9.49 6.48
CA GLY B 212 1.01 9.60 7.83
C GLY B 212 0.02 10.25 8.78
N ASP B 213 0.53 10.78 9.89
CA ASP B 213 -0.29 11.61 10.81
C ASP B 213 -0.61 12.91 10.07
N GLU B 214 -1.57 13.66 10.61
CA GLU B 214 -2.11 14.92 10.05
C GLU B 214 -0.94 15.88 9.76
N GLU B 215 0.02 16.07 10.67
CA GLU B 215 1.13 17.03 10.42
C GLU B 215 1.98 16.53 9.26
N ALA B 216 2.27 15.23 9.17
CA ALA B 216 3.09 14.70 8.06
C ALA B 216 2.34 14.87 6.74
N GLN B 217 1.01 14.69 6.75
CA GLN B 217 0.22 14.76 5.49
C GLN B 217 0.28 16.22 5.05
N VAL B 218 0.23 17.17 6.00
CA VAL B 218 0.35 18.63 5.68
C VAL B 218 1.75 18.92 5.10
N ASN B 219 2.81 18.42 5.73
CA ASN B 219 4.21 18.62 5.26
C ASN B 219 4.32 18.12 3.82
N PHE B 220 3.72 16.97 3.52
CA PHE B 220 3.75 16.40 2.14
C PHE B 220 3.09 17.39 1.18
N LEU B 221 1.93 17.93 1.56
CA LEU B 221 1.16 18.83 0.64
C LEU B 221 1.99 20.12 0.46
N LYS B 222 2.76 20.51 1.48
CA LYS B 222 3.47 21.79 1.41
C LYS B 222 4.59 21.69 0.41
N GLU B 223 5.20 20.51 0.29
CA GLU B 223 6.23 20.21 -0.75
C GLU B 223 5.61 19.95 -2.13
N VAL B 224 4.59 19.10 -2.23
CA VAL B 224 4.18 18.61 -3.58
C VAL B 224 3.25 19.58 -4.28
N LEU B 225 2.36 20.28 -3.59
CA LEU B 225 1.36 21.12 -4.30
C LEU B 225 2.09 22.19 -5.13
N PRO B 226 3.06 22.96 -4.62
CA PRO B 226 3.73 23.95 -5.45
C PRO B 226 4.53 23.33 -6.62
N TRP B 227 5.07 22.16 -6.41
CA TRP B 227 5.81 21.44 -7.46
C TRP B 227 4.84 21.05 -8.61
N LEU B 228 3.68 20.51 -8.24
CA LEU B 228 2.63 20.13 -9.23
C LEU B 228 2.12 21.38 -9.93
N ASP B 229 1.88 22.45 -9.17
CA ASP B 229 1.34 23.73 -9.70
C ASP B 229 2.34 24.29 -10.72
N SER B 230 3.65 24.19 -10.52
CA SER B 230 4.64 24.76 -11.51
C SER B 230 5.15 23.73 -12.55
N ASN B 231 4.73 22.46 -12.49
CA ASN B 231 5.18 21.38 -13.40
C ASN B 231 4.36 21.43 -14.70
N ALA B 232 4.99 21.84 -15.79
CA ALA B 232 4.40 22.02 -17.12
C ALA B 232 3.72 20.74 -17.61
N GLY B 233 4.22 19.59 -17.16
CA GLY B 233 3.80 18.29 -17.67
C GLY B 233 2.56 17.78 -16.93
N VAL B 234 2.10 18.45 -15.89
CA VAL B 234 0.88 18.03 -15.12
C VAL B 234 -0.22 19.05 -15.44
N GLU B 235 -1.30 18.64 -16.10
CA GLU B 235 -2.44 19.52 -16.43
C GLU B 235 -3.40 19.67 -15.24
N ARG B 236 -3.66 18.57 -14.49
CA ARG B 236 -4.59 18.57 -13.33
C ARG B 236 -4.15 17.52 -12.31
N TYR B 237 -4.73 17.59 -11.13
CA TYR B 237 -4.48 16.59 -10.07
C TYR B 237 -5.59 16.64 -9.01
N ALA B 238 -5.67 15.58 -8.23
CA ALA B 238 -6.65 15.48 -7.11
C ALA B 238 -6.04 14.70 -5.99
N SER B 239 -5.87 15.31 -4.82
CA SER B 239 -5.43 14.57 -3.63
C SER B 239 -6.52 13.55 -3.29
N PHE B 240 -6.13 12.45 -2.67
CA PHE B 240 -6.99 11.33 -2.24
C PHE B 240 -7.29 11.47 -0.76
N PHE B 241 -8.54 11.86 -0.40
CA PHE B 241 -9.56 12.33 -1.31
C PHE B 241 -10.52 13.14 -0.41
N VAL B 242 -11.51 13.73 -1.01
CA VAL B 242 -12.39 14.71 -0.28
C VAL B 242 -12.96 14.12 1.02
N ASP B 243 -13.55 12.93 0.98
CA ASP B 243 -14.30 12.41 2.16
C ASP B 243 -13.35 12.18 3.37
N ASN B 244 -12.06 11.89 3.14
CA ASN B 244 -11.07 11.75 4.23
C ASN B 244 -10.61 13.13 4.76
N LEU B 245 -10.85 14.24 4.02
CA LEU B 245 -10.32 15.59 4.35
C LEU B 245 -11.37 16.41 5.12
N VAL B 246 -12.48 15.78 5.47
CA VAL B 246 -13.64 16.40 6.17
C VAL B 246 -14.12 15.42 7.27
N LYS B 247 -14.43 15.93 8.45
CA LYS B 247 -14.96 15.16 9.60
C LYS B 247 -16.12 15.94 10.21
N GLY B 248 -17.29 15.32 10.36
CA GLY B 248 -18.51 16.00 10.85
C GLY B 248 -18.77 17.30 10.12
N GLY B 249 -18.49 17.34 8.83
CA GLY B 249 -18.85 18.42 7.90
C GLY B 249 -17.77 19.47 7.84
N ALA B 250 -16.75 19.40 8.70
CA ALA B 250 -15.72 20.45 8.84
C ALA B 250 -14.40 19.98 8.24
N LEU B 251 -13.69 20.85 7.50
CA LEU B 251 -12.30 20.53 7.00
C LEU B 251 -11.42 20.09 8.17
N THR B 252 -10.67 19.01 8.00
CA THR B 252 -9.54 18.64 8.91
C THR B 252 -8.36 19.57 8.63
N SER B 253 -7.31 19.51 9.45
CA SER B 253 -6.11 20.36 9.23
C SER B 253 -5.56 20.05 7.83
N VAL B 254 -5.72 18.79 7.38
CA VAL B 254 -5.21 18.34 6.05
C VAL B 254 -6.12 18.90 4.94
N GLY B 255 -7.43 18.94 5.13
CA GLY B 255 -8.35 19.55 4.17
C GLY B 255 -8.08 21.04 4.07
N LYS B 256 -7.66 21.63 5.18
CA LYS B 256 -7.44 23.10 5.22
C LYS B 256 -6.19 23.39 4.40
N ALA B 257 -5.16 22.56 4.51
CA ALA B 257 -3.94 22.69 3.69
C ALA B 257 -4.28 22.52 2.20
N TYR B 258 -5.07 21.51 1.87
CA TYR B 258 -5.45 21.28 0.48
C TYR B 258 -6.25 22.45 -0.09
N LYS B 259 -6.98 23.16 0.76
CA LYS B 259 -7.74 24.36 0.33
C LYS B 259 -6.81 25.55 0.19
N THR B 260 -5.69 25.63 0.93
CA THR B 260 -5.01 26.94 1.14
C THR B 260 -3.67 27.01 0.42
N ILE B 261 -2.90 25.95 0.36
CA ILE B 261 -1.51 26.05 -0.15
C ILE B 261 -1.52 26.57 -1.60
#